data_1B8P
#
_entry.id   1B8P
#
_cell.length_a   59.080
_cell.length_b   102.170
_cell.length_c   53.790
_cell.angle_alpha   90.00
_cell.angle_beta   90.00
_cell.angle_gamma   90.00
#
_symmetry.space_group_name_H-M   'P 21 21 2'
#
loop_
_entity.id
_entity.type
_entity.pdbx_description
1 polymer 'PROTEIN (MALATE DEHYDROGENASE)'
2 water water
#
_entity_poly.entity_id   1
_entity_poly.type   'polypeptide(L)'
_entity_poly.pdbx_seq_one_letter_code
;MAKTPMRVAVTGAAGQICYSLLFRIANGDMLGKDQPVILQLLEIPNEKAQKALQGVMMEIDDCAFPLLAGMTAHADPMTA
FKDADVALLVGARPRGPGMERKDLLEANAQIFTVQGKAIDAVASRNIKVLVVGNPANTNAYIAMKSAPSLPAKNFTAMLR
LDHNRALSQIAAKTGKPVSSIEKLFVWGNHSPTMYADYRYAQIDGASVKDMINDDAWNRDTFLPTVGKRGAAIIDARGVS
SAASAANAAIDHIHDWVLGTAGKWTTMGIPSDGSYGIPEGVIFGFPVTTENGEYKIVQGLSIDAFSQERINVTLNELLEE
QNGVQHLLG
;
_entity_poly.pdbx_strand_id   A
#
# COMPACT_ATOMS: atom_id res chain seq x y z
N LYS A 3 -9.12 -2.03 -25.44
CA LYS A 3 -9.37 -3.33 -24.76
C LYS A 3 -10.48 -3.26 -23.70
N THR A 4 -10.95 -4.42 -23.27
CA THR A 4 -12.03 -4.53 -22.29
C THR A 4 -11.76 -3.81 -20.96
N PRO A 5 -12.72 -2.99 -20.50
CA PRO A 5 -12.53 -2.27 -19.24
C PRO A 5 -12.37 -3.13 -18.00
N MET A 6 -11.56 -2.66 -17.08
CA MET A 6 -11.33 -3.34 -15.82
C MET A 6 -12.15 -2.65 -14.75
N ARG A 7 -12.74 -3.44 -13.86
CA ARG A 7 -13.55 -2.88 -12.79
C ARG A 7 -12.67 -2.66 -11.58
N VAL A 8 -12.58 -1.41 -11.15
CA VAL A 8 -11.75 -1.01 -10.02
C VAL A 8 -12.63 -0.55 -8.90
N ALA A 9 -12.57 -1.26 -7.77
CA ALA A 9 -13.36 -0.91 -6.61
C ALA A 9 -12.47 -0.15 -5.64
N VAL A 10 -12.99 0.95 -5.10
CA VAL A 10 -12.23 1.77 -4.16
C VAL A 10 -13.08 2.15 -2.97
N THR A 11 -12.53 1.96 -1.76
CA THR A 11 -13.25 2.28 -0.54
C THR A 11 -12.88 3.66 -0.01
N GLY A 12 -13.64 4.15 0.98
CA GLY A 12 -13.44 5.48 1.54
C GLY A 12 -13.30 6.51 0.42
N ALA A 13 -14.14 6.35 -0.60
CA ALA A 13 -14.08 7.19 -1.80
C ALA A 13 -14.35 8.70 -1.68
N ALA A 14 -14.96 9.14 -0.59
CA ALA A 14 -15.21 10.56 -0.41
C ALA A 14 -14.12 11.18 0.48
N GLY A 15 -13.11 10.39 0.84
CA GLY A 15 -12.03 10.87 1.71
C GLY A 15 -10.88 11.54 0.98
N GLN A 16 -9.93 12.02 1.77
CA GLN A 16 -8.77 12.73 1.24
C GLN A 16 -7.88 11.99 0.27
N ILE A 17 -7.39 10.81 0.66
CA ILE A 17 -6.52 10.06 -0.24
C ILE A 17 -7.19 9.82 -1.58
N CYS A 18 -8.46 9.43 -1.52
CA CYS A 18 -9.21 9.18 -2.75
C CYS A 18 -9.37 10.43 -3.62
N TYR A 19 -9.50 11.60 -3.00
CA TYR A 19 -9.64 12.83 -3.77
C TYR A 19 -8.42 13.08 -4.66
N SER A 20 -7.24 12.59 -4.25
CA SER A 20 -6.02 12.72 -5.08
C SER A 20 -5.86 11.46 -5.93
N LEU A 21 -6.49 10.37 -5.49
CA LEU A 21 -6.38 9.10 -6.20
C LEU A 21 -7.30 8.86 -7.41
N LEU A 22 -8.58 9.09 -7.23
CA LEU A 22 -9.54 8.81 -8.30
C LEU A 22 -9.30 9.45 -9.67
N PHE A 23 -8.92 10.72 -9.68
CA PHE A 23 -8.69 11.43 -10.92
C PHE A 23 -7.50 10.86 -11.69
N ARG A 24 -6.48 10.42 -10.96
CA ARG A 24 -5.32 9.83 -11.62
C ARG A 24 -5.64 8.43 -12.16
N ILE A 25 -6.47 7.67 -11.45
CA ILE A 25 -6.85 6.35 -11.96
C ILE A 25 -7.65 6.57 -13.27
N ALA A 26 -8.62 7.48 -13.23
CA ALA A 26 -9.46 7.79 -14.40
C ALA A 26 -8.67 8.36 -15.59
N ASN A 27 -7.53 8.99 -15.27
CA ASN A 27 -6.63 9.57 -16.26
C ASN A 27 -5.77 8.50 -16.95
N GLY A 28 -5.82 7.28 -16.43
CA GLY A 28 -5.05 6.19 -17.00
C GLY A 28 -3.68 5.97 -16.37
N ASP A 29 -3.39 6.62 -15.25
CA ASP A 29 -2.09 6.48 -14.60
C ASP A 29 -1.81 5.11 -14.00
N MET A 30 -2.84 4.43 -13.52
CA MET A 30 -2.65 3.15 -12.85
C MET A 30 -2.55 1.88 -13.70
N LEU A 31 -3.40 1.74 -14.70
CA LEU A 31 -3.43 0.54 -15.52
C LEU A 31 -3.01 0.74 -16.97
N GLY A 32 -2.61 1.95 -17.33
CA GLY A 32 -2.21 2.20 -18.69
C GLY A 32 -3.15 3.15 -19.42
N LYS A 33 -2.60 3.83 -20.41
CA LYS A 33 -3.34 4.81 -21.20
C LYS A 33 -4.31 4.21 -22.21
N ASP A 34 -4.21 2.90 -22.43
CA ASP A 34 -5.06 2.20 -23.37
C ASP A 34 -6.02 1.30 -22.64
N GLN A 35 -6.12 1.47 -21.33
CA GLN A 35 -6.96 0.62 -20.51
C GLN A 35 -8.15 1.33 -19.87
N PRO A 36 -9.36 1.10 -20.43
CA PRO A 36 -10.58 1.71 -19.91
C PRO A 36 -10.88 1.14 -18.52
N VAL A 37 -11.44 1.96 -17.65
CA VAL A 37 -11.75 1.54 -16.32
C VAL A 37 -13.19 1.86 -15.92
N ILE A 38 -13.74 1.04 -15.04
CA ILE A 38 -15.07 1.25 -14.50
C ILE A 38 -14.80 1.40 -12.98
N LEU A 39 -15.20 2.52 -12.40
CA LEU A 39 -14.97 2.75 -10.97
C LEU A 39 -16.19 2.39 -10.16
N GLN A 40 -16.00 1.55 -9.15
CA GLN A 40 -17.10 1.12 -8.26
C GLN A 40 -16.64 1.69 -6.93
N LEU A 41 -17.28 2.79 -6.55
CA LEU A 41 -16.91 3.52 -5.36
C LEU A 41 -17.75 3.23 -4.15
N LEU A 42 -17.08 3.03 -3.02
CA LEU A 42 -17.74 2.73 -1.75
C LEU A 42 -17.45 3.75 -0.67
N GLU A 43 -18.51 4.10 0.05
CA GLU A 43 -18.44 4.98 1.20
C GLU A 43 -19.41 4.42 2.21
N ILE A 44 -19.27 4.83 3.47
CA ILE A 44 -20.19 4.38 4.51
C ILE A 44 -21.62 4.82 4.16
N PRO A 45 -22.65 4.10 4.65
CA PRO A 45 -24.04 4.44 4.36
C PRO A 45 -24.56 5.82 4.77
N ASN A 46 -23.89 6.48 5.71
CA ASN A 46 -24.30 7.80 6.19
C ASN A 46 -24.60 8.84 5.09
N GLU A 47 -25.70 9.56 5.25
CA GLU A 47 -26.15 10.55 4.27
C GLU A 47 -25.10 11.58 3.83
N LYS A 48 -24.41 12.15 4.81
CA LYS A 48 -23.38 13.13 4.56
C LYS A 48 -22.26 12.56 3.68
N ALA A 49 -21.82 11.33 4.00
CA ALA A 49 -20.76 10.66 3.26
C ALA A 49 -21.19 10.32 1.84
N GLN A 50 -22.43 9.85 1.69
CA GLN A 50 -22.96 9.49 0.38
C GLN A 50 -23.16 10.72 -0.50
N LYS A 51 -23.56 11.82 0.13
CA LYS A 51 -23.75 13.09 -0.57
C LYS A 51 -22.38 13.60 -1.05
N ALA A 52 -21.37 13.52 -0.18
CA ALA A 52 -20.03 13.95 -0.55
C ALA A 52 -19.50 13.10 -1.70
N LEU A 53 -19.81 11.81 -1.69
CA LEU A 53 -19.37 10.90 -2.74
C LEU A 53 -20.04 11.31 -4.06
N GLN A 54 -21.28 11.77 -3.97
CA GLN A 54 -21.99 12.22 -5.16
C GLN A 54 -21.25 13.43 -5.75
N GLY A 55 -20.75 14.31 -4.87
CA GLY A 55 -20.01 15.49 -5.29
C GLY A 55 -18.70 15.15 -5.99
N VAL A 56 -17.98 14.17 -5.46
CA VAL A 56 -16.73 13.75 -6.06
C VAL A 56 -16.99 13.17 -7.45
N MET A 57 -18.06 12.40 -7.57
CA MET A 57 -18.43 11.80 -8.84
C MET A 57 -18.76 12.88 -9.87
N MET A 58 -19.43 13.95 -9.43
CA MET A 58 -19.75 15.06 -10.32
C MET A 58 -18.44 15.64 -10.89
N GLU A 59 -17.47 15.89 -10.01
CA GLU A 59 -16.16 16.42 -10.43
C GLU A 59 -15.44 15.51 -11.43
N ILE A 60 -15.48 14.19 -11.21
CA ILE A 60 -14.83 13.24 -12.11
C ILE A 60 -15.50 13.33 -13.48
N ASP A 61 -16.82 13.41 -13.51
CA ASP A 61 -17.53 13.53 -14.77
C ASP A 61 -17.08 14.83 -15.46
N ASP A 62 -16.95 15.89 -14.68
CA ASP A 62 -16.55 17.19 -15.20
C ASP A 62 -15.13 17.28 -15.73
N CYS A 63 -14.39 16.18 -15.64
CA CYS A 63 -13.03 16.14 -16.18
C CYS A 63 -13.03 15.57 -17.56
N ALA A 64 -14.16 14.99 -17.98
CA ALA A 64 -14.27 14.41 -19.31
C ALA A 64 -13.15 13.43 -19.68
N PHE A 65 -12.90 12.45 -18.80
CA PHE A 65 -11.87 11.43 -19.02
C PHE A 65 -12.30 10.39 -20.06
N PRO A 66 -11.57 10.27 -21.18
CA PRO A 66 -11.95 9.29 -22.19
C PRO A 66 -11.89 7.82 -21.75
N LEU A 67 -11.02 7.49 -20.80
CA LEU A 67 -10.88 6.12 -20.30
C LEU A 67 -11.98 5.66 -19.32
N LEU A 68 -12.72 6.59 -18.74
CA LEU A 68 -13.76 6.26 -17.78
C LEU A 68 -14.99 5.66 -18.49
N ALA A 69 -15.07 4.34 -18.48
CA ALA A 69 -16.16 3.61 -19.13
C ALA A 69 -17.39 3.46 -18.25
N GLY A 70 -17.31 3.90 -17.00
CA GLY A 70 -18.45 3.75 -16.12
C GLY A 70 -18.07 4.07 -14.68
N MET A 71 -19.06 4.38 -13.86
CA MET A 71 -18.78 4.72 -12.49
C MET A 71 -20.06 4.63 -11.69
N THR A 72 -20.02 3.90 -10.59
CA THR A 72 -21.19 3.73 -9.74
C THR A 72 -20.83 3.93 -8.28
N ALA A 73 -21.79 4.40 -7.50
CA ALA A 73 -21.59 4.63 -6.07
C ALA A 73 -22.31 3.53 -5.30
N HIS A 74 -21.73 3.11 -4.17
CA HIS A 74 -22.30 2.04 -3.35
C HIS A 74 -22.25 2.36 -1.87
N ALA A 75 -23.12 1.71 -1.11
CA ALA A 75 -23.14 1.89 0.34
C ALA A 75 -22.93 0.53 1.02
N ASP A 76 -22.71 -0.50 0.21
CA ASP A 76 -22.57 -1.87 0.68
C ASP A 76 -21.41 -2.54 -0.02
N PRO A 77 -20.45 -3.12 0.74
CA PRO A 77 -19.33 -3.76 0.07
C PRO A 77 -19.72 -4.89 -0.87
N MET A 78 -20.84 -5.55 -0.57
CA MET A 78 -21.32 -6.64 -1.42
C MET A 78 -21.61 -6.18 -2.84
N THR A 79 -22.11 -4.97 -3.02
CA THR A 79 -22.35 -4.48 -4.38
C THR A 79 -21.08 -3.81 -4.94
N ALA A 80 -20.35 -3.08 -4.09
CA ALA A 80 -19.13 -2.40 -4.51
C ALA A 80 -18.07 -3.35 -5.09
N PHE A 81 -17.88 -4.51 -4.48
CA PHE A 81 -16.86 -5.46 -4.96
C PHE A 81 -17.27 -6.42 -6.09
N LYS A 82 -18.51 -6.32 -6.51
CA LYS A 82 -19.07 -7.16 -7.57
C LYS A 82 -18.23 -7.19 -8.84
N ASP A 83 -17.70 -8.37 -9.16
CA ASP A 83 -16.86 -8.58 -10.35
C ASP A 83 -15.64 -7.66 -10.44
N ALA A 84 -15.20 -7.12 -9.31
CA ALA A 84 -14.04 -6.23 -9.28
C ALA A 84 -12.77 -6.97 -9.66
N ASP A 85 -11.98 -6.37 -10.56
CA ASP A 85 -10.71 -6.94 -11.01
C ASP A 85 -9.56 -6.48 -10.12
N VAL A 86 -9.72 -5.29 -9.53
CA VAL A 86 -8.72 -4.70 -8.64
C VAL A 86 -9.47 -3.99 -7.55
N ALA A 87 -8.98 -4.07 -6.32
CA ALA A 87 -9.61 -3.37 -5.20
C ALA A 87 -8.56 -2.58 -4.42
N LEU A 88 -8.89 -1.34 -4.11
CA LEU A 88 -8.01 -0.49 -3.32
C LEU A 88 -8.75 -0.17 -2.05
N LEU A 89 -8.31 -0.80 -0.98
CA LEU A 89 -8.94 -0.64 0.32
C LEU A 89 -8.32 0.54 1.06
N VAL A 90 -8.90 1.71 0.83
CA VAL A 90 -8.40 2.93 1.41
C VAL A 90 -9.08 3.29 2.72
N GLY A 91 -10.39 3.09 2.78
CA GLY A 91 -11.14 3.42 3.98
C GLY A 91 -10.77 2.57 5.19
N ALA A 92 -10.64 3.23 6.33
CA ALA A 92 -10.29 2.55 7.58
C ALA A 92 -10.72 3.46 8.73
N ARG A 93 -10.67 2.94 9.95
CA ARG A 93 -11.05 3.72 11.12
C ARG A 93 -9.86 4.45 11.69
N PRO A 94 -9.87 5.78 11.65
CA PRO A 94 -8.74 6.54 12.19
C PRO A 94 -8.68 6.49 13.72
N ARG A 95 -7.50 6.73 14.27
CA ARG A 95 -7.32 6.74 15.72
C ARG A 95 -7.88 7.99 16.37
N GLY A 96 -9.05 7.86 16.98
CA GLY A 96 -9.69 9.00 17.61
C GLY A 96 -9.33 9.17 19.06
N PRO A 97 -9.93 10.16 19.73
CA PRO A 97 -9.72 10.49 21.14
C PRO A 97 -10.24 9.40 22.08
N GLY A 98 -9.42 9.07 23.09
CA GLY A 98 -9.79 8.04 24.05
C GLY A 98 -9.44 6.62 23.60
N MET A 99 -9.21 6.44 22.31
CA MET A 99 -8.89 5.13 21.77
C MET A 99 -7.52 4.60 22.10
N GLU A 100 -7.48 3.37 22.60
CA GLU A 100 -6.22 2.71 22.90
C GLU A 100 -5.91 1.86 21.68
N ARG A 101 -4.71 1.31 21.64
CA ARG A 101 -4.29 0.49 20.52
C ARG A 101 -5.25 -0.65 20.25
N LYS A 102 -5.73 -1.29 21.32
CA LYS A 102 -6.64 -2.42 21.16
C LYS A 102 -7.96 -2.00 20.51
N ASP A 103 -8.38 -0.77 20.80
CA ASP A 103 -9.62 -0.20 20.25
C ASP A 103 -9.47 0.04 18.75
N LEU A 104 -8.33 0.60 18.35
CA LEU A 104 -8.07 0.87 16.95
C LEU A 104 -8.00 -0.43 16.14
N LEU A 105 -7.34 -1.44 16.70
CA LEU A 105 -7.18 -2.73 16.04
C LEU A 105 -8.53 -3.42 15.84
N GLU A 106 -9.36 -3.41 16.87
CA GLU A 106 -10.67 -4.03 16.78
C GLU A 106 -11.60 -3.33 15.79
N ALA A 107 -11.66 -2.00 15.85
CA ALA A 107 -12.50 -1.22 14.94
C ALA A 107 -12.15 -1.55 13.49
N ASN A 108 -10.86 -1.60 13.19
CA ASN A 108 -10.41 -1.91 11.85
C ASN A 108 -10.64 -3.36 11.47
N ALA A 109 -10.47 -4.27 12.43
CA ALA A 109 -10.69 -5.69 12.15
C ALA A 109 -12.16 -5.91 11.72
N GLN A 110 -13.09 -5.21 12.37
CA GLN A 110 -14.51 -5.31 12.06
C GLN A 110 -14.81 -4.82 10.63
N ILE A 111 -14.03 -3.85 10.16
CA ILE A 111 -14.19 -3.32 8.82
C ILE A 111 -13.65 -4.30 7.79
N PHE A 112 -12.42 -4.76 8.03
CA PHE A 112 -11.75 -5.63 7.09
C PHE A 112 -12.20 -7.09 7.00
N THR A 113 -12.83 -7.60 8.06
CA THR A 113 -13.34 -8.98 8.00
C THR A 113 -14.56 -8.94 7.06
N VAL A 114 -15.36 -7.89 7.21
CA VAL A 114 -16.55 -7.69 6.38
C VAL A 114 -16.19 -7.49 4.91
N GLN A 115 -15.21 -6.64 4.65
CA GLN A 115 -14.82 -6.40 3.27
C GLN A 115 -14.12 -7.61 2.67
N GLY A 116 -13.35 -8.33 3.49
CA GLY A 116 -12.67 -9.52 3.00
C GLY A 116 -13.70 -10.57 2.58
N LYS A 117 -14.73 -10.74 3.42
CA LYS A 117 -15.79 -11.71 3.13
C LYS A 117 -16.52 -11.32 1.85
N ALA A 118 -16.78 -10.03 1.69
CA ALA A 118 -17.46 -9.51 0.51
C ALA A 118 -16.65 -9.79 -0.77
N ILE A 119 -15.34 -9.56 -0.68
CA ILE A 119 -14.48 -9.81 -1.83
C ILE A 119 -14.52 -11.31 -2.19
N ASP A 120 -14.45 -12.13 -1.14
CA ASP A 120 -14.47 -13.58 -1.27
C ASP A 120 -15.74 -14.03 -2.00
N ALA A 121 -16.86 -13.42 -1.64
CA ALA A 121 -18.13 -13.76 -2.24
C ALA A 121 -18.41 -13.27 -3.67
N VAL A 122 -18.10 -12.00 -3.95
CA VAL A 122 -18.47 -11.44 -5.26
C VAL A 122 -17.42 -10.93 -6.24
N ALA A 123 -16.19 -10.75 -5.79
CA ALA A 123 -15.15 -10.23 -6.67
C ALA A 123 -14.62 -11.22 -7.69
N SER A 124 -13.81 -10.75 -8.63
CA SER A 124 -13.21 -11.63 -9.61
C SER A 124 -12.45 -12.71 -8.82
N ARG A 125 -12.39 -13.92 -9.38
CA ARG A 125 -11.69 -15.03 -8.72
C ARG A 125 -10.20 -14.81 -8.58
N ASN A 126 -9.66 -13.87 -9.36
CA ASN A 126 -8.24 -13.52 -9.31
C ASN A 126 -8.03 -12.01 -9.07
N ILE A 127 -8.92 -11.40 -8.29
CA ILE A 127 -8.82 -9.99 -7.98
C ILE A 127 -7.49 -9.66 -7.29
N LYS A 128 -6.93 -8.50 -7.61
CA LYS A 128 -5.69 -8.01 -6.98
C LYS A 128 -6.15 -6.99 -5.94
N VAL A 129 -5.71 -7.15 -4.70
CA VAL A 129 -6.11 -6.26 -3.61
C VAL A 129 -4.91 -5.53 -3.04
N LEU A 130 -5.08 -4.24 -2.80
CA LEU A 130 -4.03 -3.42 -2.18
C LEU A 130 -4.71 -2.71 -1.01
N VAL A 131 -4.14 -2.87 0.19
CA VAL A 131 -4.67 -2.20 1.37
C VAL A 131 -3.78 -0.97 1.62
N VAL A 132 -4.43 0.19 1.70
CA VAL A 132 -3.78 1.48 1.93
C VAL A 132 -4.11 2.00 3.34
N GLY A 133 -5.35 1.76 3.79
CA GLY A 133 -5.81 2.19 5.10
C GLY A 133 -5.01 1.59 6.26
N ASN A 134 -4.67 2.41 7.24
CA ASN A 134 -3.87 1.93 8.37
C ASN A 134 -4.65 1.22 9.46
N PRO A 135 -4.04 0.20 10.10
CA PRO A 135 -2.67 -0.30 9.82
C PRO A 135 -2.70 -1.19 8.58
N ALA A 136 -2.03 -0.76 7.52
CA ALA A 136 -2.07 -1.48 6.25
C ALA A 136 -1.72 -2.97 6.22
N ASN A 137 -0.56 -3.33 6.77
CA ASN A 137 -0.13 -4.74 6.78
C ASN A 137 -1.14 -5.63 7.51
N THR A 138 -1.56 -5.21 8.70
CA THR A 138 -2.50 -5.99 9.49
C THR A 138 -3.90 -6.03 8.87
N ASN A 139 -4.34 -4.91 8.30
CA ASN A 139 -5.65 -4.85 7.65
C ASN A 139 -5.65 -5.80 6.46
N ALA A 140 -4.54 -5.85 5.73
CA ALA A 140 -4.41 -6.75 4.59
C ALA A 140 -4.46 -8.21 5.04
N TYR A 141 -3.83 -8.49 6.18
CA TYR A 141 -3.80 -9.83 6.74
C TYR A 141 -5.23 -10.27 7.13
N ILE A 142 -5.97 -9.38 7.78
CA ILE A 142 -7.34 -9.66 8.19
C ILE A 142 -8.19 -9.98 6.94
N ALA A 143 -8.11 -9.11 5.93
CA ALA A 143 -8.87 -9.32 4.70
C ALA A 143 -8.53 -10.66 4.06
N MET A 144 -7.23 -10.95 3.96
CA MET A 144 -6.72 -12.20 3.38
C MET A 144 -7.27 -13.42 4.11
N LYS A 145 -7.20 -13.39 5.43
CA LYS A 145 -7.69 -14.48 6.27
C LYS A 145 -9.20 -14.64 6.11
N SER A 146 -9.89 -13.55 5.79
CA SER A 146 -11.34 -13.56 5.63
C SER A 146 -11.82 -13.96 4.24
N ALA A 147 -10.90 -14.24 3.33
CA ALA A 147 -11.26 -14.64 1.98
C ALA A 147 -10.56 -15.92 1.58
N PRO A 148 -10.95 -17.04 2.20
CA PRO A 148 -10.37 -18.36 1.96
C PRO A 148 -10.47 -18.92 0.54
N SER A 149 -11.43 -18.47 -0.27
CA SER A 149 -11.54 -19.00 -1.62
C SER A 149 -10.62 -18.29 -2.63
N LEU A 150 -9.95 -17.24 -2.18
CA LEU A 150 -9.06 -16.45 -3.03
C LEU A 150 -7.58 -16.70 -2.71
N PRO A 151 -6.69 -16.62 -3.71
CA PRO A 151 -5.25 -16.83 -3.54
C PRO A 151 -4.69 -15.79 -2.56
N ALA A 152 -4.05 -16.26 -1.49
CA ALA A 152 -3.48 -15.36 -0.49
C ALA A 152 -2.46 -14.35 -1.05
N LYS A 153 -1.72 -14.76 -2.07
CA LYS A 153 -0.72 -13.90 -2.65
C LYS A 153 -1.33 -12.65 -3.28
N ASN A 154 -2.63 -12.67 -3.51
CA ASN A 154 -3.29 -11.52 -4.10
C ASN A 154 -3.64 -10.41 -3.11
N PHE A 155 -3.34 -10.60 -1.83
CA PHE A 155 -3.62 -9.57 -0.82
C PHE A 155 -2.30 -8.87 -0.45
N THR A 156 -2.20 -7.59 -0.80
CA THR A 156 -0.98 -6.83 -0.54
C THR A 156 -1.24 -5.57 0.26
N ALA A 157 -0.16 -5.00 0.81
CA ALA A 157 -0.25 -3.79 1.61
C ALA A 157 0.74 -2.80 1.02
N MET A 158 0.43 -1.52 1.20
CA MET A 158 1.27 -0.47 0.64
C MET A 158 2.49 -0.10 1.45
N LEU A 159 3.65 -0.47 0.93
CA LEU A 159 4.93 -0.11 1.54
C LEU A 159 5.61 0.86 0.54
N ARG A 160 4.95 1.08 -0.60
CA ARG A 160 5.50 1.94 -1.64
C ARG A 160 5.72 3.40 -1.23
N LEU A 161 4.94 3.91 -0.28
CA LEU A 161 5.13 5.29 0.18
C LEU A 161 6.45 5.39 0.96
N ASP A 162 6.73 4.40 1.81
CA ASP A 162 7.98 4.38 2.57
C ASP A 162 9.14 4.24 1.58
N HIS A 163 8.96 3.39 0.59
CA HIS A 163 9.97 3.20 -0.44
C HIS A 163 10.27 4.51 -1.20
N ASN A 164 9.23 5.20 -1.67
CA ASN A 164 9.41 6.45 -2.40
C ASN A 164 10.05 7.55 -1.53
N ARG A 165 9.67 7.60 -0.26
CA ARG A 165 10.23 8.57 0.68
C ARG A 165 11.74 8.30 0.89
N ALA A 166 12.11 7.02 0.95
CA ALA A 166 13.51 6.62 1.12
C ALA A 166 14.27 7.03 -0.12
N LEU A 167 13.64 6.79 -1.27
CA LEU A 167 14.19 7.13 -2.57
C LEU A 167 14.49 8.65 -2.66
N SER A 168 13.57 9.48 -2.16
CA SER A 168 13.81 10.91 -2.23
C SER A 168 14.93 11.40 -1.29
N GLN A 169 15.11 10.75 -0.14
CA GLN A 169 16.16 11.14 0.81
C GLN A 169 17.54 10.76 0.25
N ILE A 170 17.60 9.65 -0.47
CA ILE A 170 18.85 9.21 -1.06
C ILE A 170 19.25 10.14 -2.22
N ALA A 171 18.27 10.50 -3.06
CA ALA A 171 18.52 11.39 -4.20
C ALA A 171 19.01 12.74 -3.67
N ALA A 172 18.41 13.22 -2.60
CA ALA A 172 18.77 14.49 -2.00
C ALA A 172 20.18 14.45 -1.43
N LYS A 173 20.52 13.36 -0.73
CA LYS A 173 21.82 13.21 -0.12
C LYS A 173 22.93 13.09 -1.15
N THR A 174 22.73 12.26 -2.17
CA THR A 174 23.75 12.05 -3.19
C THR A 174 23.75 13.10 -4.29
N GLY A 175 22.69 13.91 -4.34
CA GLY A 175 22.59 14.91 -5.38
C GLY A 175 22.43 14.27 -6.74
N LYS A 176 21.88 13.06 -6.77
CA LYS A 176 21.66 12.36 -8.04
C LYS A 176 20.16 12.28 -8.35
N PRO A 177 19.80 12.17 -9.63
CA PRO A 177 18.38 12.08 -9.98
C PRO A 177 17.70 10.86 -9.32
N VAL A 178 16.52 11.09 -8.76
CA VAL A 178 15.76 10.06 -8.09
C VAL A 178 15.50 8.85 -9.01
N SER A 179 15.50 9.10 -10.30
CA SER A 179 15.26 8.03 -11.26
C SER A 179 16.47 7.17 -11.57
N SER A 180 17.63 7.54 -11.05
CA SER A 180 18.85 6.75 -11.35
C SER A 180 19.21 5.71 -10.27
N ILE A 181 18.48 5.76 -9.15
CA ILE A 181 18.70 4.86 -8.02
C ILE A 181 18.08 3.49 -8.27
N GLU A 182 18.91 2.45 -8.13
CA GLU A 182 18.46 1.09 -8.32
C GLU A 182 18.68 0.28 -7.05
N LYS A 183 17.92 -0.80 -6.94
CA LYS A 183 17.98 -1.74 -5.84
C LYS A 183 17.80 -1.24 -4.44
N LEU A 184 17.01 -0.18 -4.28
CA LEU A 184 16.67 0.32 -2.94
C LEU A 184 15.33 -0.36 -2.63
N PHE A 185 15.06 -0.67 -1.37
CA PHE A 185 13.80 -1.32 -0.99
C PHE A 185 13.61 -1.18 0.51
N VAL A 186 12.42 -1.52 1.00
CA VAL A 186 12.07 -1.41 2.41
C VAL A 186 11.53 -2.72 2.99
N TRP A 187 11.91 -3.05 4.22
CA TRP A 187 11.44 -4.29 4.86
C TRP A 187 10.39 -3.95 5.91
N GLY A 188 9.45 -4.86 6.14
CA GLY A 188 8.55 -4.67 7.25
C GLY A 188 7.18 -4.05 7.20
N ASN A 189 6.87 -3.39 8.31
CA ASN A 189 5.59 -2.71 8.53
C ASN A 189 5.53 -1.29 7.97
N HIS A 190 4.36 -0.90 7.47
CA HIS A 190 4.17 0.45 6.99
C HIS A 190 3.96 1.24 8.28
N SER A 191 5.06 1.55 8.96
CA SER A 191 5.03 2.28 10.21
C SER A 191 6.42 2.85 10.47
N PRO A 192 6.60 3.59 11.58
CA PRO A 192 7.94 4.10 11.82
C PRO A 192 8.98 3.01 12.09
N THR A 193 8.56 1.75 12.22
CA THR A 193 9.53 0.68 12.45
C THR A 193 10.02 0.10 11.13
N MET A 194 9.55 0.65 10.02
CA MET A 194 10.00 0.16 8.73
C MET A 194 11.53 0.28 8.65
N TYR A 195 12.14 -0.57 7.84
CA TYR A 195 13.57 -0.56 7.68
C TYR A 195 13.97 -0.36 6.20
N ALA A 196 14.28 0.88 5.83
CA ALA A 196 14.72 1.20 4.47
C ALA A 196 16.15 0.69 4.38
N ASP A 197 16.39 -0.22 3.45
CA ASP A 197 17.69 -0.84 3.31
C ASP A 197 18.44 -0.34 2.10
N TYR A 198 19.50 0.46 2.34
CA TYR A 198 20.30 1.01 1.23
C TYR A 198 21.59 0.22 0.90
N ARG A 199 21.79 -0.92 1.54
CA ARG A 199 23.00 -1.74 1.34
C ARG A 199 23.27 -2.27 -0.06
N TYR A 200 22.23 -2.44 -0.87
CA TYR A 200 22.39 -2.94 -2.23
C TYR A 200 22.15 -1.87 -3.30
N ALA A 201 21.67 -0.71 -2.88
CA ALA A 201 21.33 0.38 -3.79
C ALA A 201 22.52 0.87 -4.61
N GLN A 202 22.26 1.15 -5.88
CA GLN A 202 23.29 1.62 -6.80
C GLN A 202 22.78 2.78 -7.66
N ILE A 203 23.69 3.66 -8.04
CA ILE A 203 23.39 4.80 -8.90
C ILE A 203 24.42 4.72 -10.02
N ASP A 204 23.96 4.46 -11.24
CA ASP A 204 24.85 4.35 -12.39
C ASP A 204 25.94 3.28 -12.15
N GLY A 205 25.60 2.23 -11.41
CA GLY A 205 26.54 1.15 -11.13
C GLY A 205 27.49 1.34 -9.96
N ALA A 206 27.33 2.42 -9.22
CA ALA A 206 28.19 2.70 -8.08
C ALA A 206 27.41 2.48 -6.78
N SER A 207 28.08 1.92 -5.78
CA SER A 207 27.45 1.68 -4.49
C SER A 207 27.03 2.95 -3.79
N VAL A 208 25.76 3.05 -3.43
CA VAL A 208 25.23 4.22 -2.73
C VAL A 208 25.85 4.27 -1.33
N LYS A 209 25.91 3.12 -0.68
CA LYS A 209 26.47 2.99 0.66
C LYS A 209 27.91 3.54 0.66
N ASP A 210 28.70 3.13 -0.33
CA ASP A 210 30.08 3.57 -0.43
C ASP A 210 30.23 5.00 -0.88
N MET A 211 29.24 5.47 -1.64
CA MET A 211 29.21 6.84 -2.13
C MET A 211 29.09 7.77 -0.90
N ILE A 212 28.17 7.44 0.00
CA ILE A 212 27.92 8.23 1.19
C ILE A 212 29.04 8.01 2.22
N ASN A 213 29.48 6.77 2.33
CA ASN A 213 30.58 6.43 3.23
C ASN A 213 30.43 7.02 4.62
N ASP A 214 29.27 6.82 5.22
CA ASP A 214 29.02 7.32 6.55
C ASP A 214 27.82 6.58 7.13
N ASP A 215 28.10 5.49 7.84
CA ASP A 215 27.07 4.67 8.44
C ASP A 215 26.27 5.40 9.52
N ALA A 216 26.87 6.40 10.14
CA ALA A 216 26.17 7.18 11.16
C ALA A 216 25.00 7.92 10.49
N TRP A 217 25.20 8.41 9.27
CA TRP A 217 24.13 9.12 8.56
C TRP A 217 22.96 8.14 8.41
N ASN A 218 23.28 6.93 7.95
CA ASN A 218 22.29 5.89 7.76
C ASN A 218 21.45 5.69 9.02
N ARG A 219 22.10 5.46 10.14
CA ARG A 219 21.42 5.21 11.41
C ARG A 219 20.70 6.38 12.06
N ASP A 220 21.39 7.50 12.20
CA ASP A 220 20.80 8.61 12.91
C ASP A 220 20.10 9.69 12.14
N THR A 221 20.23 9.65 10.82
CA THR A 221 19.60 10.65 9.97
C THR A 221 18.61 10.05 8.97
N PHE A 222 19.10 9.15 8.12
CA PHE A 222 18.26 8.53 7.10
C PHE A 222 17.05 7.77 7.62
N LEU A 223 17.30 6.78 8.48
CA LEU A 223 16.23 5.98 9.02
C LEU A 223 15.17 6.77 9.78
N PRO A 224 15.58 7.60 10.75
CA PRO A 224 14.58 8.38 11.50
C PRO A 224 13.76 9.39 10.67
N THR A 225 14.39 9.98 9.65
CA THR A 225 13.73 10.95 8.77
C THR A 225 12.63 10.29 7.96
N VAL A 226 12.96 9.17 7.32
CA VAL A 226 11.97 8.44 6.53
C VAL A 226 10.88 7.90 7.47
N GLY A 227 11.31 7.39 8.62
CA GLY A 227 10.37 6.86 9.59
C GLY A 227 9.37 7.85 10.14
N LYS A 228 9.79 9.09 10.31
CA LYS A 228 8.91 10.13 10.85
C LYS A 228 8.43 11.14 9.81
N ARG A 229 8.61 10.84 8.53
CA ARG A 229 8.23 11.75 7.45
C ARG A 229 6.76 12.16 7.44
N GLY A 230 5.86 11.21 7.70
CA GLY A 230 4.44 11.52 7.72
C GLY A 230 4.08 12.55 8.76
N ALA A 231 4.75 12.49 9.91
CA ALA A 231 4.52 13.43 11.01
C ALA A 231 5.06 14.83 10.64
N ALA A 232 6.16 14.84 9.90
CA ALA A 232 6.77 16.08 9.48
C ALA A 232 5.81 16.80 8.54
N ILE A 233 5.11 16.03 7.70
CA ILE A 233 4.16 16.61 6.75
C ILE A 233 2.91 17.15 7.46
N ILE A 234 2.45 16.43 8.48
CA ILE A 234 1.30 16.87 9.25
C ILE A 234 1.68 18.14 10.01
N ASP A 235 2.91 18.19 10.49
CA ASP A 235 3.38 19.36 11.22
C ASP A 235 3.40 20.62 10.31
N ALA A 236 3.87 20.43 9.08
CA ALA A 236 3.98 21.52 8.12
C ALA A 236 2.65 21.92 7.51
N ARG A 237 1.86 20.93 7.06
CA ARG A 237 0.57 21.18 6.41
C ARG A 237 -0.66 21.20 7.30
N GLY A 238 -0.57 20.56 8.46
CA GLY A 238 -1.71 20.51 9.37
C GLY A 238 -2.58 19.30 9.10
N VAL A 239 -2.38 18.67 7.94
CA VAL A 239 -3.14 17.50 7.55
C VAL A 239 -2.20 16.45 6.96
N SER A 240 -2.69 15.22 6.85
CA SER A 240 -1.95 14.07 6.33
C SER A 240 -1.45 14.19 4.90
N SER A 241 -0.56 13.28 4.53
CA SER A 241 0.04 13.26 3.20
C SER A 241 -0.78 12.52 2.17
N ALA A 242 -1.96 13.04 1.87
CA ALA A 242 -2.87 12.43 0.92
C ALA A 242 -2.37 12.20 -0.51
N ALA A 243 -1.84 13.25 -1.13
CA ALA A 243 -1.36 13.15 -2.51
C ALA A 243 -0.19 12.20 -2.73
N SER A 244 0.78 12.16 -1.82
CA SER A 244 1.90 11.24 -1.98
C SER A 244 1.52 9.80 -1.65
N ALA A 245 0.55 9.62 -0.75
CA ALA A 245 0.05 8.28 -0.41
C ALA A 245 -0.72 7.77 -1.65
N ALA A 246 -1.52 8.64 -2.28
CA ALA A 246 -2.26 8.27 -3.49
C ALA A 246 -1.29 7.89 -4.61
N ASN A 247 -0.21 8.65 -4.75
CA ASN A 247 0.78 8.38 -5.77
C ASN A 247 1.45 6.99 -5.59
N ALA A 248 1.74 6.65 -4.34
CA ALA A 248 2.37 5.39 -4.02
C ALA A 248 1.45 4.21 -4.31
N ALA A 249 0.15 4.40 -4.10
CA ALA A 249 -0.83 3.35 -4.38
C ALA A 249 -0.86 3.10 -5.87
N ILE A 250 -0.85 4.17 -6.66
CA ILE A 250 -0.87 4.03 -8.10
C ILE A 250 0.40 3.31 -8.55
N ASP A 251 1.53 3.72 -7.99
CA ASP A 251 2.81 3.09 -8.31
C ASP A 251 2.77 1.58 -8.01
N HIS A 252 2.25 1.23 -6.84
CA HIS A 252 2.12 -0.16 -6.39
C HIS A 252 1.33 -0.99 -7.42
N ILE A 253 0.10 -0.59 -7.75
CA ILE A 253 -0.70 -1.34 -8.72
C ILE A 253 -0.09 -1.34 -10.12
N HIS A 254 0.37 -0.17 -10.55
CA HIS A 254 0.97 -0.02 -11.86
C HIS A 254 2.12 -1.01 -12.06
N ASP A 255 3.06 -1.05 -11.13
CA ASP A 255 4.21 -1.95 -11.20
C ASP A 255 3.83 -3.43 -11.10
N TRP A 256 2.88 -3.73 -10.22
CA TRP A 256 2.40 -5.10 -10.02
C TRP A 256 1.80 -5.63 -11.33
N VAL A 257 0.89 -4.85 -11.90
CA VAL A 257 0.23 -5.23 -13.14
C VAL A 257 1.07 -5.15 -14.41
N LEU A 258 1.78 -4.03 -14.61
CA LEU A 258 2.57 -3.86 -15.82
C LEU A 258 4.01 -4.38 -15.81
N GLY A 259 4.55 -4.68 -14.63
CA GLY A 259 5.90 -5.21 -14.53
C GLY A 259 6.96 -4.16 -14.23
N THR A 260 8.04 -4.56 -13.55
CA THR A 260 9.14 -3.64 -13.22
C THR A 260 10.32 -3.81 -14.16
N ALA A 261 10.20 -4.75 -15.10
CA ALA A 261 11.26 -5.03 -16.07
C ALA A 261 12.63 -5.28 -15.45
N GLY A 262 12.66 -6.05 -14.37
CA GLY A 262 13.92 -6.35 -13.70
C GLY A 262 14.28 -5.44 -12.54
N LYS A 263 13.69 -4.26 -12.49
CA LYS A 263 13.96 -3.32 -11.41
C LYS A 263 13.32 -3.88 -10.14
N TRP A 264 13.95 -3.66 -8.99
CA TRP A 264 13.40 -4.12 -7.72
C TRP A 264 12.46 -3.05 -7.15
N THR A 265 11.43 -3.48 -6.44
CA THR A 265 10.55 -2.53 -5.77
C THR A 265 10.12 -3.16 -4.45
N THR A 266 9.39 -2.42 -3.63
CA THR A 266 8.92 -2.94 -2.38
C THR A 266 7.41 -3.16 -2.42
N MET A 267 6.98 -4.31 -1.89
CA MET A 267 5.56 -4.68 -1.79
C MET A 267 5.34 -5.40 -0.47
N GLY A 268 4.27 -5.03 0.24
CA GLY A 268 3.90 -5.70 1.47
C GLY A 268 3.14 -6.94 1.00
N ILE A 269 3.71 -8.11 1.20
CA ILE A 269 3.11 -9.35 0.72
C ILE A 269 3.05 -10.43 1.79
N PRO A 270 2.24 -11.48 1.59
CA PRO A 270 2.17 -12.55 2.59
C PRO A 270 3.51 -13.29 2.56
N SER A 271 4.14 -13.45 3.72
CA SER A 271 5.41 -14.16 3.74
C SER A 271 5.30 -15.63 3.37
N ASP A 272 6.22 -16.10 2.54
CA ASP A 272 6.25 -17.51 2.18
C ASP A 272 7.34 -18.18 3.01
N GLY A 273 7.83 -17.45 4.01
CA GLY A 273 8.88 -17.97 4.86
C GLY A 273 10.27 -17.45 4.52
N SER A 274 10.43 -16.74 3.41
CA SER A 274 11.73 -16.22 3.01
C SER A 274 12.30 -15.31 4.11
N TYR A 275 13.62 -15.33 4.26
CA TYR A 275 14.33 -14.50 5.26
C TYR A 275 13.89 -14.74 6.70
N GLY A 276 13.36 -15.94 6.95
CA GLY A 276 12.92 -16.28 8.29
C GLY A 276 11.68 -15.55 8.77
N ILE A 277 10.91 -14.99 7.86
CA ILE A 277 9.69 -14.28 8.25
C ILE A 277 8.59 -15.33 8.29
N PRO A 278 7.88 -15.46 9.42
CA PRO A 278 6.80 -16.45 9.53
C PRO A 278 5.81 -16.36 8.37
N GLU A 279 5.46 -17.52 7.79
CA GLU A 279 4.52 -17.60 6.68
C GLU A 279 3.20 -16.93 7.02
N GLY A 280 2.63 -16.24 6.04
CA GLY A 280 1.36 -15.58 6.25
C GLY A 280 1.41 -14.15 6.77
N VAL A 281 2.52 -13.74 7.39
CA VAL A 281 2.65 -12.35 7.88
C VAL A 281 2.84 -11.43 6.66
N ILE A 282 2.03 -10.37 6.58
CA ILE A 282 2.13 -9.42 5.45
C ILE A 282 3.34 -8.56 5.82
N PHE A 283 4.35 -8.58 4.96
CA PHE A 283 5.61 -7.93 5.27
C PHE A 283 6.22 -7.31 4.04
N GLY A 284 6.92 -6.19 4.23
CA GLY A 284 7.59 -5.57 3.11
C GLY A 284 8.83 -6.36 2.71
N PHE A 285 8.89 -6.75 1.43
CA PHE A 285 10.01 -7.50 0.87
C PHE A 285 10.42 -6.88 -0.47
N PRO A 286 11.69 -7.05 -0.85
CA PRO A 286 12.15 -6.53 -2.14
C PRO A 286 11.61 -7.53 -3.16
N VAL A 287 10.99 -7.07 -4.25
CA VAL A 287 10.46 -7.97 -5.27
C VAL A 287 10.69 -7.41 -6.66
N THR A 288 10.56 -8.28 -7.66
CA THR A 288 10.56 -7.86 -9.06
C THR A 288 9.16 -8.35 -9.51
N THR A 289 8.60 -7.75 -10.56
CA THR A 289 7.27 -8.18 -11.03
C THR A 289 7.27 -8.37 -12.53
N GLU A 290 6.39 -9.27 -12.98
CA GLU A 290 6.26 -9.58 -14.39
C GLU A 290 4.96 -10.36 -14.61
N ASN A 291 4.28 -10.05 -15.71
CA ASN A 291 3.03 -10.73 -16.06
C ASN A 291 2.00 -10.74 -14.92
N GLY A 292 1.95 -9.67 -14.14
CA GLY A 292 0.99 -9.58 -13.05
C GLY A 292 1.33 -10.38 -11.81
N GLU A 293 2.54 -10.92 -11.75
CA GLU A 293 3.00 -11.71 -10.61
C GLU A 293 4.26 -11.10 -10.01
N TYR A 294 4.43 -11.26 -8.69
CA TYR A 294 5.64 -10.78 -8.03
C TYR A 294 6.54 -11.94 -7.61
N LYS A 295 7.81 -11.61 -7.39
CA LYS A 295 8.79 -12.62 -7.01
C LYS A 295 9.77 -12.01 -6.02
N ILE A 296 9.86 -12.58 -4.81
CA ILE A 296 10.79 -12.09 -3.80
C ILE A 296 12.24 -12.26 -4.26
N VAL A 297 13.03 -11.21 -4.07
CA VAL A 297 14.45 -11.24 -4.43
C VAL A 297 15.13 -12.08 -3.34
N GLN A 298 15.80 -13.14 -3.77
CA GLN A 298 16.48 -14.06 -2.84
C GLN A 298 17.99 -13.88 -2.73
N GLY A 299 18.54 -14.38 -1.64
CA GLY A 299 19.97 -14.34 -1.47
C GLY A 299 20.63 -13.13 -0.84
N LEU A 300 19.84 -12.16 -0.40
CA LEU A 300 20.41 -10.98 0.22
C LEU A 300 21.02 -11.35 1.56
N SER A 301 22.12 -10.69 1.90
CA SER A 301 22.80 -10.92 3.16
C SER A 301 22.09 -10.10 4.25
N ILE A 302 21.92 -10.68 5.43
CA ILE A 302 21.27 -9.95 6.51
C ILE A 302 22.32 -9.84 7.61
N ASP A 303 22.89 -8.66 7.78
CA ASP A 303 23.90 -8.47 8.80
C ASP A 303 23.27 -8.24 10.16
N ALA A 304 24.09 -8.11 11.21
CA ALA A 304 23.56 -7.92 12.55
C ALA A 304 22.62 -6.75 12.69
N PHE A 305 23.00 -5.60 12.10
CA PHE A 305 22.15 -4.41 12.19
C PHE A 305 20.81 -4.70 11.52
N SER A 306 20.85 -5.27 10.32
CA SER A 306 19.64 -5.57 9.60
C SER A 306 18.74 -6.51 10.37
N GLN A 307 19.31 -7.55 10.97
CA GLN A 307 18.51 -8.50 11.74
C GLN A 307 17.82 -7.84 12.92
N GLU A 308 18.48 -6.92 13.60
CA GLU A 308 17.83 -6.28 14.72
C GLU A 308 16.68 -5.39 14.25
N ARG A 309 16.84 -4.74 13.10
CA ARG A 309 15.79 -3.87 12.57
C ARG A 309 14.60 -4.72 12.10
N ILE A 310 14.89 -5.81 11.41
CA ILE A 310 13.87 -6.73 10.94
C ILE A 310 13.08 -7.29 12.13
N ASN A 311 13.78 -7.62 13.21
CA ASN A 311 13.15 -8.15 14.42
C ASN A 311 12.16 -7.16 15.04
N VAL A 312 12.53 -5.89 15.08
CA VAL A 312 11.69 -4.85 15.66
C VAL A 312 10.36 -4.69 14.90
N THR A 313 10.46 -4.63 13.58
CA THR A 313 9.28 -4.44 12.75
C THR A 313 8.43 -5.73 12.75
N LEU A 314 9.09 -6.89 12.75
CA LEU A 314 8.35 -8.14 12.81
C LEU A 314 7.62 -8.24 14.15
N ASN A 315 8.25 -7.80 15.22
CA ASN A 315 7.62 -7.85 16.53
C ASN A 315 6.37 -7.01 16.58
N GLU A 316 6.42 -5.83 15.95
CA GLU A 316 5.28 -4.94 15.94
C GLU A 316 4.11 -5.59 15.19
N LEU A 317 4.40 -6.23 14.07
CA LEU A 317 3.40 -6.92 13.26
C LEU A 317 2.76 -8.10 14.03
N LEU A 318 3.57 -8.80 14.81
CA LEU A 318 3.07 -9.93 15.60
C LEU A 318 2.20 -9.44 16.76
N GLU A 319 2.50 -8.27 17.30
CA GLU A 319 1.67 -7.74 18.38
C GLU A 319 0.31 -7.36 17.82
N GLU A 320 0.29 -6.80 16.61
CA GLU A 320 -0.95 -6.41 15.96
C GLU A 320 -1.80 -7.64 15.63
N GLN A 321 -1.15 -8.66 15.08
CA GLN A 321 -1.83 -9.92 14.73
C GLN A 321 -2.48 -10.54 15.96
N ASN A 322 -1.73 -10.61 17.07
CA ASN A 322 -2.24 -11.15 18.31
C ASN A 322 -3.49 -10.39 18.74
N GLY A 323 -3.47 -9.08 18.50
CA GLY A 323 -4.60 -8.24 18.86
C GLY A 323 -5.89 -8.34 18.05
N VAL A 324 -5.87 -9.01 16.89
CA VAL A 324 -7.08 -9.11 16.07
C VAL A 324 -7.51 -10.56 15.87
N GLN A 325 -6.68 -11.47 16.35
CA GLN A 325 -6.88 -12.91 16.21
C GLN A 325 -8.28 -13.43 16.61
N HIS A 326 -8.85 -12.84 17.65
CA HIS A 326 -10.16 -13.23 18.15
C HIS A 326 -11.34 -12.88 17.23
N LEU A 327 -11.15 -11.91 16.35
CA LEU A 327 -12.20 -11.51 15.42
C LEU A 327 -12.14 -12.37 14.16
N LEU A 328 -11.11 -13.20 14.07
CA LEU A 328 -10.92 -14.09 12.95
C LEU A 328 -11.38 -15.53 13.22
N GLY A 329 -12.20 -15.71 14.26
CA GLY A 329 -12.68 -17.03 14.59
C GLY A 329 -13.33 -17.72 13.38
#